data_4I4U
#
_entry.id   4I4U
#
_cell.length_a   66.400
_cell.length_b   70.010
_cell.length_c   71.630
_cell.angle_alpha   90.00
_cell.angle_beta   106.57
_cell.angle_gamma   90.00
#
_symmetry.space_group_name_H-M   'P 1 21 1'
#
loop_
_entity.id
_entity.type
_entity.pdbx_description
1 polymer 'BEL beta-trefoil'
2 non-polymer alpha-D-galactopyranose
3 non-polymer 2-AMINO-2-HYDROXYMETHYL-PROPANE-1,3-DIOL
4 water water
#
_entity_poly.entity_id   1
_entity_poly.type   'polypeptide(L)'
_entity_poly.pdbx_seq_one_letter_code
;VNFPNIPAEGVQFRLRARDTGYVIYSRTENPPLVWQYNGPPYDDQLFTLIYGTGPRKNLYAIKSVPNGRVLFSRTSASPY
VGNIAGDGTYNDNWFQFIQDDNDPNSFRIYNLASDTVLYSRTTADPKFGNFTGAKYDDQLWHFELV
;
_entity_poly.pdbx_strand_id   A,B,C,D
#
# COMPACT_ATOMS: atom_id res chain seq x y z
N VAL A 1 4.70 -9.50 19.81
CA VAL A 1 4.44 -9.72 21.26
C VAL A 1 3.92 -8.41 21.86
N ASN A 2 2.85 -8.53 22.64
CA ASN A 2 2.31 -7.38 23.36
C ASN A 2 3.30 -6.82 24.37
N PHE A 3 3.38 -5.50 24.46
CA PHE A 3 4.26 -4.85 25.44
C PHE A 3 3.96 -5.42 26.83
N PRO A 4 5.00 -5.85 27.57
CA PRO A 4 4.70 -6.52 28.84
C PRO A 4 4.38 -5.61 30.02
N ASN A 5 4.63 -4.30 29.88
CA ASN A 5 4.39 -3.35 30.97
C ASN A 5 3.36 -2.29 30.62
N ILE A 6 2.13 -2.73 30.38
CA ILE A 6 1.02 -1.84 30.06
C ILE A 6 0.41 -1.36 31.39
N PRO A 7 0.21 -0.04 31.54
CA PRO A 7 -0.35 0.47 32.80
C PRO A 7 -1.70 -0.15 33.13
N ALA A 8 -1.96 -0.35 34.42
CA ALA A 8 -3.25 -0.86 34.86
C ALA A 8 -4.34 0.15 34.52
N GLU A 9 -5.57 -0.34 34.35
CA GLU A 9 -6.70 0.51 34.00
C GLU A 9 -6.87 1.65 34.99
N GLY A 10 -7.01 2.87 34.47
CA GLY A 10 -7.21 4.04 35.32
C GLY A 10 -5.93 4.75 35.76
N VAL A 11 -4.79 4.07 35.63
CA VAL A 11 -3.49 4.66 35.95
C VAL A 11 -3.12 5.72 34.90
N GLN A 12 -2.66 6.89 35.37
CA GLN A 12 -2.40 8.02 34.47
C GLN A 12 -0.96 8.05 33.95
N PHE A 13 -0.81 8.45 32.69
CA PHE A 13 0.50 8.52 32.06
C PHE A 13 0.55 9.50 30.90
N ARG A 14 1.76 9.88 30.52
CA ARG A 14 2.02 10.53 29.25
C ARG A 14 2.51 9.47 28.27
N LEU A 15 2.33 9.75 26.98
CA LEU A 15 2.91 8.91 25.94
C LEU A 15 4.04 9.69 25.30
N ARG A 16 5.27 9.22 25.52
CA ARG A 16 6.45 9.92 25.03
C ARG A 16 7.19 9.09 23.99
N ALA A 17 7.51 9.73 22.87
CA ALA A 17 8.22 9.05 21.80
C ALA A 17 9.66 8.80 22.23
N ARG A 18 10.15 7.59 21.97
CA ARG A 18 11.49 7.21 22.40
C ARG A 18 12.57 8.16 21.89
N ASP A 19 12.54 8.45 20.59
CA ASP A 19 13.63 9.20 19.95
C ASP A 19 13.48 10.72 20.01
N THR A 20 12.32 11.25 19.62
CA THR A 20 12.11 12.70 19.66
C THR A 20 11.99 13.22 21.08
N GLY A 21 11.48 12.38 21.98
CA GLY A 21 11.14 12.82 23.34
C GLY A 21 9.90 13.69 23.43
N TYR A 22 9.17 13.81 22.31
CA TYR A 22 7.93 14.61 22.29
C TYR A 22 6.79 13.80 22.92
N VAL A 23 5.76 14.49 23.41
CA VAL A 23 4.60 13.81 23.99
C VAL A 23 3.33 14.04 23.17
N ILE A 24 2.39 13.10 23.25
CA ILE A 24 1.09 13.28 22.60
C ILE A 24 0.19 14.13 23.50
N TYR A 25 -0.53 15.06 22.90
CA TYR A 25 -1.62 15.73 23.60
C TYR A 25 -2.94 15.43 22.90
N SER A 26 -4.03 15.50 23.65
CA SER A 26 -5.36 15.30 23.11
C SER A 26 -6.29 16.33 23.71
N ARG A 27 -6.71 17.29 22.89
CA ARG A 27 -7.48 18.45 23.39
C ARG A 27 -8.76 18.69 22.59
N THR A 28 -9.51 19.73 22.97
CA THR A 28 -10.83 19.97 22.35
C THR A 28 -10.92 21.26 21.53
N GLU A 29 -9.89 22.08 21.58
CA GLU A 29 -9.82 23.32 20.79
C GLU A 29 -8.50 23.40 20.03
N ASN A 30 -8.51 24.14 18.92
CA ASN A 30 -7.28 24.50 18.18
C ASN A 30 -6.58 23.34 17.47
N PRO A 31 -7.09 22.96 16.28
CA PRO A 31 -6.55 21.85 15.49
C PRO A 31 -5.07 22.02 15.11
N PRO A 32 -4.30 20.92 15.07
CA PRO A 32 -4.72 19.53 15.32
C PRO A 32 -5.04 19.25 16.79
N LEU A 33 -6.18 18.60 17.04
CA LEU A 33 -6.63 18.30 18.40
C LEU A 33 -5.80 17.21 19.05
N VAL A 34 -5.17 16.38 18.22
CA VAL A 34 -4.21 15.39 18.68
C VAL A 34 -2.92 15.61 17.89
N TRP A 35 -1.82 15.87 18.61
CA TRP A 35 -0.53 16.11 17.97
C TRP A 35 0.59 15.83 18.95
N GLN A 36 1.81 16.06 18.51
CA GLN A 36 2.97 15.93 19.38
C GLN A 36 3.35 17.30 19.94
N TYR A 37 4.11 17.31 21.04
CA TYR A 37 4.40 18.54 21.74
C TYR A 37 5.73 18.47 22.46
N ASN A 38 6.55 19.50 22.26
CA ASN A 38 7.81 19.69 22.95
C ASN A 38 7.69 20.93 23.80
N GLY A 39 7.46 20.73 25.09
CA GLY A 39 7.25 21.85 26.00
C GLY A 39 6.80 21.41 27.38
N PRO A 40 6.24 22.35 28.17
CA PRO A 40 5.86 22.10 29.55
C PRO A 40 4.76 21.05 29.69
N PRO A 41 4.66 20.41 30.87
CA PRO A 41 3.56 19.50 31.13
C PRO A 41 2.21 20.22 31.21
N TYR A 42 1.26 19.79 30.37
CA TYR A 42 -0.13 20.23 30.47
C TYR A 42 -0.99 18.99 30.71
N ASP A 43 -2.16 19.20 31.30
CA ASP A 43 -3.05 18.09 31.63
C ASP A 43 -3.56 17.33 30.39
N ASP A 44 -3.65 18.01 29.25
CA ASP A 44 -4.15 17.38 28.03
C ASP A 44 -3.14 16.40 27.42
N GLN A 45 -2.01 16.23 28.09
CA GLN A 45 -1.02 15.21 27.75
C GLN A 45 -1.24 13.96 28.61
N LEU A 46 -2.21 14.00 29.52
CA LEU A 46 -2.46 12.88 30.43
C LEU A 46 -3.53 11.92 29.91
N PHE A 47 -3.23 10.62 30.00
CA PHE A 47 -4.12 9.57 29.50
C PHE A 47 -4.25 8.43 30.50
N THR A 48 -5.34 7.68 30.36
CA THR A 48 -5.50 6.39 31.00
C THR A 48 -5.94 5.40 29.92
N LEU A 49 -5.95 4.11 30.26
CA LEU A 49 -6.41 3.09 29.32
C LEU A 49 -7.73 2.50 29.75
N ILE A 50 -8.59 2.27 28.77
CA ILE A 50 -9.79 1.45 28.97
C ILE A 50 -9.44 0.09 28.39
N TYR A 51 -9.50 -0.94 29.23
CA TYR A 51 -9.11 -2.27 28.82
C TYR A 51 -10.19 -2.93 27.97
N GLY A 52 -9.81 -3.37 26.77
CA GLY A 52 -10.75 -4.09 25.91
C GLY A 52 -11.00 -5.50 26.42
N THR A 53 -12.23 -5.97 26.21
CA THR A 53 -12.60 -7.33 26.57
C THR A 53 -13.30 -8.00 25.39
N GLY A 54 -13.52 -9.31 25.50
CA GLY A 54 -14.17 -10.09 24.43
C GLY A 54 -13.41 -9.95 23.13
N PRO A 55 -14.07 -9.43 22.09
CA PRO A 55 -13.42 -9.19 20.79
C PRO A 55 -12.31 -8.13 20.86
N ARG A 56 -12.28 -7.35 21.94
CA ARG A 56 -11.26 -6.32 22.10
C ARG A 56 -10.16 -6.69 23.10
N LYS A 57 -10.11 -7.97 23.47
CA LYS A 57 -9.02 -8.48 24.31
C LYS A 57 -7.67 -8.14 23.67
N ASN A 58 -6.76 -7.59 24.47
CA ASN A 58 -5.43 -7.15 24.04
C ASN A 58 -5.41 -5.84 23.25
N LEU A 59 -6.58 -5.19 23.18
CA LEU A 59 -6.68 -3.84 22.67
C LEU A 59 -7.14 -2.93 23.81
N TYR A 60 -6.91 -1.62 23.62
CA TYR A 60 -7.13 -0.62 24.65
C TYR A 60 -7.62 0.67 24.01
N ALA A 61 -8.52 1.36 24.70
CA ALA A 61 -8.86 2.73 24.32
C ALA A 61 -7.99 3.70 25.13
N ILE A 62 -7.49 4.73 24.46
CA ILE A 62 -6.59 5.69 25.09
C ILE A 62 -7.37 6.97 25.43
N LYS A 63 -7.68 7.14 26.71
CA LYS A 63 -8.63 8.17 27.17
C LYS A 63 -7.95 9.37 27.84
N SER A 64 -8.33 10.57 27.40
CA SER A 64 -7.84 11.82 27.98
C SER A 64 -8.33 12.01 29.41
N VAL A 65 -7.42 12.37 30.30
CA VAL A 65 -7.79 12.62 31.69
C VAL A 65 -8.70 13.86 31.82
N PRO A 66 -8.25 15.03 31.32
CA PRO A 66 -9.08 16.23 31.48
C PRO A 66 -10.40 16.28 30.70
N ASN A 67 -10.42 15.78 29.46
CA ASN A 67 -11.61 15.91 28.63
C ASN A 67 -12.41 14.63 28.32
N GLY A 68 -11.85 13.48 28.65
CA GLY A 68 -12.57 12.20 28.54
C GLY A 68 -12.64 11.58 27.15
N ARG A 69 -12.13 12.29 26.15
CA ARG A 69 -12.20 11.77 24.79
C ARG A 69 -11.15 10.71 24.58
N VAL A 70 -11.46 9.75 23.69
CA VAL A 70 -10.50 8.68 23.35
C VAL A 70 -9.86 8.98 22.00
N LEU A 71 -8.65 8.45 21.81
CA LEU A 71 -7.94 8.60 20.55
C LEU A 71 -8.56 7.72 19.45
N PHE A 72 -8.40 8.17 18.21
CA PHE A 72 -8.67 7.33 17.07
C PHE A 72 -7.55 7.45 16.05
N SER A 73 -7.35 6.41 15.25
CA SER A 73 -6.37 6.42 14.18
C SER A 73 -6.98 5.71 12.98
N ARG A 74 -7.16 6.46 11.88
CA ARG A 74 -7.92 5.98 10.73
C ARG A 74 -7.30 6.47 9.42
N THR A 75 -7.82 5.96 8.31
CA THR A 75 -7.35 6.36 6.98
C THR A 75 -8.54 6.77 6.08
N SER A 76 -9.74 6.71 6.64
CA SER A 76 -10.98 6.95 5.90
CA SER A 76 -10.98 6.95 5.89
C SER A 76 -11.30 8.43 5.67
N ALA A 77 -10.86 9.28 6.60
CA ALA A 77 -11.15 10.72 6.55
C ALA A 77 -10.15 11.51 7.38
N SER A 78 -9.98 12.78 7.04
CA SER A 78 -9.18 13.73 7.81
C SER A 78 -10.00 14.29 8.97
N PRO A 79 -9.39 14.49 10.16
CA PRO A 79 -8.01 14.13 10.49
C PRO A 79 -7.83 12.62 10.66
N TYR A 80 -6.65 12.12 10.31
CA TYR A 80 -6.36 10.68 10.40
C TYR A 80 -6.17 10.22 11.84
N VAL A 81 -5.52 11.06 12.64
CA VAL A 81 -5.41 10.85 14.08
C VAL A 81 -6.17 11.98 14.77
N GLY A 82 -7.05 11.62 15.69
CA GLY A 82 -7.88 12.60 16.36
C GLY A 82 -8.45 12.03 17.64
N ASN A 83 -9.48 12.68 18.15
CA ASN A 83 -10.16 12.19 19.34
C ASN A 83 -11.68 12.28 19.18
N ILE A 84 -12.38 11.54 20.03
CA ILE A 84 -13.84 11.47 19.99
C ILE A 84 -14.34 11.09 21.39
N ALA A 85 -15.48 11.64 21.79
CA ALA A 85 -16.06 11.34 23.09
C ALA A 85 -16.47 9.87 23.19
N GLY A 86 -16.64 9.40 24.42
CA GLY A 86 -17.07 8.02 24.68
C GLY A 86 -15.98 7.18 25.30
N ASP A 87 -16.25 5.88 25.36
CA ASP A 87 -15.32 4.94 25.96
C ASP A 87 -14.81 3.93 24.91
N GLY A 88 -14.72 4.38 23.67
CA GLY A 88 -14.32 3.51 22.57
C GLY A 88 -15.50 2.97 21.80
N THR A 89 -16.43 3.87 21.48
CA THR A 89 -17.63 3.55 20.71
C THR A 89 -17.30 2.95 19.33
N TYR A 90 -16.26 3.47 18.70
CA TYR A 90 -15.91 3.08 17.34
C TYR A 90 -14.70 2.18 17.26
N ASN A 91 -14.69 1.34 16.24
CA ASN A 91 -13.66 0.34 16.00
C ASN A 91 -12.24 0.89 15.99
N ASP A 92 -12.07 2.06 15.38
CA ASP A 92 -10.76 2.71 15.26
C ASP A 92 -10.33 3.46 16.54
N ASN A 93 -11.04 3.22 17.64
CA ASN A 93 -10.64 3.71 18.96
C ASN A 93 -9.79 2.70 19.72
N TRP A 94 -9.48 1.57 19.09
CA TRP A 94 -8.89 0.45 19.81
C TRP A 94 -7.50 0.12 19.36
N PHE A 95 -6.57 0.19 20.31
CA PHE A 95 -5.14 0.09 20.02
C PHE A 95 -4.47 -1.10 20.71
N GLN A 96 -3.50 -1.68 20.01
CA GLN A 96 -2.66 -2.76 20.53
C GLN A 96 -1.28 -2.17 20.79
N PHE A 97 -0.67 -2.52 21.92
CA PHE A 97 0.70 -2.04 22.20
C PHE A 97 1.65 -3.18 21.92
N ILE A 98 2.37 -3.06 20.80
CA ILE A 98 3.22 -4.14 20.31
C ILE A 98 4.67 -3.79 20.61
N GLN A 99 5.30 -4.61 21.44
CA GLN A 99 6.70 -4.45 21.82
C GLN A 99 7.59 -4.43 20.57
N ASP A 100 8.58 -3.55 20.54
CA ASP A 100 9.52 -3.54 19.43
C ASP A 100 10.30 -4.85 19.38
N ASP A 101 10.67 -5.27 18.17
CA ASP A 101 11.41 -6.54 17.98
C ASP A 101 12.86 -6.47 18.43
N ASN A 102 13.42 -5.26 18.53
CA ASN A 102 14.83 -5.09 18.90
C ASN A 102 14.97 -4.50 20.28
N ASP A 103 14.17 -3.47 20.55
CA ASP A 103 14.19 -2.78 21.83
C ASP A 103 13.00 -3.20 22.69
N PRO A 104 13.24 -4.02 23.75
CA PRO A 104 12.12 -4.53 24.54
C PRO A 104 11.44 -3.46 25.41
N ASN A 105 12.08 -2.30 25.54
CA ASN A 105 11.57 -1.24 26.41
C ASN A 105 10.69 -0.23 25.70
N SER A 106 10.46 -0.43 24.40
CA SER A 106 9.54 0.44 23.68
C SER A 106 8.52 -0.34 22.87
N PHE A 107 7.48 0.36 22.41
CA PHE A 107 6.38 -0.30 21.71
C PHE A 107 5.79 0.59 20.63
N ARG A 108 5.07 -0.02 19.71
CA ARG A 108 4.30 0.71 18.72
C ARG A 108 2.85 0.81 19.18
N ILE A 109 2.22 1.95 18.87
CA ILE A 109 0.81 2.17 19.14
C ILE A 109 0.06 1.81 17.86
N TYR A 110 -0.49 0.60 17.84
CA TYR A 110 -1.03 -0.01 16.62
C TYR A 110 -2.54 -0.05 16.61
N ASN A 111 -3.13 0.30 15.48
CA ASN A 111 -4.58 0.29 15.33
C ASN A 111 -5.03 -0.85 14.42
N LEU A 112 -5.82 -1.77 14.97
CA LEU A 112 -6.28 -2.93 14.22
C LEU A 112 -7.25 -2.54 13.10
N ALA A 113 -8.13 -1.58 13.36
CA ALA A 113 -9.12 -1.14 12.35
C ALA A 113 -8.45 -0.58 11.09
N SER A 114 -7.39 0.21 11.27
CA SER A 114 -6.75 0.91 10.15
C SER A 114 -5.40 0.34 9.72
N ASP A 115 -4.89 -0.63 10.47
CA ASP A 115 -3.59 -1.24 10.20
C ASP A 115 -2.48 -0.18 10.21
N THR A 116 -2.57 0.77 11.15
CA THR A 116 -1.59 1.86 11.23
C THR A 116 -0.87 1.89 12.57
N VAL A 117 0.30 2.52 12.58
CA VAL A 117 1.00 2.86 13.82
C VAL A 117 1.18 4.38 13.92
N LEU A 118 1.28 4.88 15.14
CA LEU A 118 1.56 6.30 15.36
C LEU A 118 3.06 6.56 15.30
N TYR A 119 3.43 7.72 14.77
CA TYR A 119 4.84 8.10 14.71
C TYR A 119 5.04 9.55 15.15
N SER A 120 6.27 9.82 15.59
CA SER A 120 6.70 11.16 15.99
C SER A 120 8.09 11.40 15.43
N ARG A 121 8.23 12.44 14.60
CA ARG A 121 9.51 12.75 13.99
C ARG A 121 9.78 14.26 13.94
N THR A 122 11.02 14.62 13.60
CA THR A 122 11.41 16.02 13.51
C THR A 122 11.68 16.42 12.05
N THR A 123 11.41 15.50 11.14
CA THR A 123 11.85 15.63 9.75
C THR A 123 10.75 16.21 8.85
N ALA A 124 10.08 15.35 8.07
CA ALA A 124 9.09 15.81 7.10
C ALA A 124 7.73 16.03 7.72
N ASP A 125 7.04 17.06 7.24
CA ASP A 125 5.64 17.27 7.56
C ASP A 125 4.79 16.23 6.82
N PRO A 126 3.75 15.69 7.47
CA PRO A 126 3.35 15.92 8.87
C PRO A 126 4.27 15.18 9.84
N LYS A 127 4.74 15.89 10.87
CA LYS A 127 5.73 15.36 11.79
C LYS A 127 5.14 14.38 12.81
N PHE A 128 3.82 14.44 12.98
CA PHE A 128 3.09 13.47 13.78
C PHE A 128 1.94 12.94 12.96
N GLY A 129 1.64 11.65 13.13
CA GLY A 129 0.51 11.03 12.45
C GLY A 129 0.51 9.52 12.55
N ASN A 130 -0.21 8.90 11.61
CA ASN A 130 -0.22 7.44 11.52
C ASN A 130 0.38 6.94 10.20
N PHE A 131 0.72 5.65 10.15
CA PHE A 131 1.52 5.10 9.05
C PHE A 131 1.29 3.60 8.90
N THR A 132 1.15 3.16 7.65
CA THR A 132 1.12 1.73 7.33
C THR A 132 2.36 1.42 6.50
N GLY A 133 3.26 0.62 7.05
CA GLY A 133 4.48 0.26 6.34
C GLY A 133 5.56 -0.29 7.23
N ALA A 134 6.80 -0.17 6.77
CA ALA A 134 7.97 -0.73 7.43
C ALA A 134 8.17 -0.17 8.84
N LYS A 135 8.95 -0.90 9.63
CA LYS A 135 9.24 -0.48 10.99
C LYS A 135 10.36 0.56 10.99
N TYR A 136 10.05 1.70 11.60
CA TYR A 136 11.03 2.77 11.80
C TYR A 136 11.05 3.13 13.28
N ASP A 137 12.20 3.61 13.74
CA ASP A 137 12.39 3.97 15.13
C ASP A 137 11.48 5.08 15.62
N ASP A 138 11.03 5.94 14.70
CA ASP A 138 10.17 7.07 15.08
C ASP A 138 8.74 6.63 15.43
N GLN A 139 8.51 5.32 15.36
CA GLN A 139 7.22 4.72 15.71
C GLN A 139 7.24 4.17 17.14
N LEU A 140 8.32 4.42 17.87
CA LEU A 140 8.53 3.79 19.18
C LEU A 140 8.18 4.73 20.34
N TRP A 141 7.41 4.19 21.29
CA TRP A 141 6.83 4.95 22.40
C TRP A 141 7.13 4.34 23.73
N HIS A 142 7.04 5.18 24.77
CA HIS A 142 7.09 4.76 26.17
C HIS A 142 5.84 5.19 26.89
N PHE A 143 5.43 4.43 27.90
CA PHE A 143 4.46 4.90 28.87
C PHE A 143 5.24 5.64 29.96
N GLU A 144 4.86 6.88 30.21
CA GLU A 144 5.50 7.67 31.25
C GLU A 144 4.52 7.90 32.38
N LEU A 145 4.61 7.06 33.41
CA LEU A 145 3.71 7.15 34.55
C LEU A 145 3.90 8.48 35.28
N VAL A 146 2.79 9.07 35.73
CA VAL A 146 2.82 10.35 36.44
C VAL A 146 2.37 10.24 37.89
N VAL B 1 1.99 -4.83 9.04
CA VAL B 1 1.19 -4.60 7.80
C VAL B 1 0.44 -5.87 7.48
N ASN B 2 -0.87 -5.74 7.25
CA ASN B 2 -1.66 -6.88 6.82
C ASN B 2 -1.21 -7.41 5.46
N PHE B 3 -1.22 -8.74 5.33
CA PHE B 3 -0.91 -9.37 4.07
C PHE B 3 -1.83 -8.84 2.98
N PRO B 4 -1.26 -8.31 1.87
CA PRO B 4 -2.10 -7.68 0.85
C PRO B 4 -2.86 -8.64 -0.06
N ASN B 5 -2.47 -9.92 -0.08
CA ASN B 5 -3.10 -10.93 -0.94
C ASN B 5 -3.80 -12.03 -0.15
N ILE B 6 -4.78 -11.63 0.65
CA ILE B 6 -5.61 -12.57 1.41
C ILE B 6 -6.72 -13.05 0.46
N PRO B 7 -6.96 -14.38 0.42
CA PRO B 7 -7.99 -14.91 -0.48
C PRO B 7 -9.35 -14.28 -0.20
N ALA B 8 -10.10 -14.02 -1.27
CA ALA B 8 -11.46 -13.48 -1.17
C ALA B 8 -12.29 -14.39 -0.28
N GLU B 9 -13.26 -13.81 0.41
CA GLU B 9 -14.12 -14.59 1.30
C GLU B 9 -14.76 -15.76 0.57
N GLY B 10 -14.62 -16.96 1.14
CA GLY B 10 -15.25 -18.16 0.59
C GLY B 10 -14.38 -18.94 -0.38
N VAL B 11 -13.29 -18.33 -0.84
CA VAL B 11 -12.34 -18.97 -1.75
C VAL B 11 -11.53 -20.04 -1.00
N GLN B 12 -11.34 -21.19 -1.63
CA GLN B 12 -10.65 -22.31 -1.00
C GLN B 12 -9.14 -22.29 -1.20
N PHE B 13 -8.41 -22.70 -0.17
CA PHE B 13 -6.95 -22.70 -0.20
C PHE B 13 -6.34 -23.70 0.79
N ARG B 14 -5.06 -23.98 0.61
CA ARG B 14 -4.26 -24.68 1.60
C ARG B 14 -3.34 -23.68 2.27
N LEU B 15 -2.99 -23.95 3.53
CA LEU B 15 -2.00 -23.16 4.24
C LEU B 15 -0.69 -23.92 4.26
N ARG B 16 0.32 -23.43 3.53
CA ARG B 16 1.58 -24.15 3.42
C ARG B 16 2.71 -23.32 3.99
N ALA B 17 3.49 -23.93 4.89
CA ALA B 17 4.63 -23.26 5.50
C ALA B 17 5.68 -22.99 4.44
N ARG B 18 6.25 -21.78 4.46
CA ARG B 18 7.24 -21.40 3.45
C ARG B 18 8.48 -22.32 3.47
N ASP B 19 8.99 -22.61 4.67
CA ASP B 19 10.27 -23.30 4.79
C ASP B 19 10.18 -24.83 4.77
N THR B 20 9.29 -25.42 5.57
CA THR B 20 9.14 -26.89 5.60
C THR B 20 8.42 -27.42 4.38
N GLY B 21 7.51 -26.60 3.85
CA GLY B 21 6.61 -27.02 2.78
C GLY B 21 5.51 -27.94 3.27
N TYR B 22 5.27 -27.96 4.58
CA TYR B 22 4.19 -28.76 5.14
C TYR B 22 2.87 -27.97 5.08
N VAL B 23 1.76 -28.70 5.01
CA VAL B 23 0.44 -28.08 5.05
C VAL B 23 -0.29 -28.33 6.37
N ILE B 24 -1.17 -27.39 6.74
CA ILE B 24 -2.03 -27.59 7.91
C ILE B 24 -3.19 -28.51 7.51
N TYR B 25 -3.59 -29.39 8.42
CA TYR B 25 -4.84 -30.09 8.28
C TYR B 25 -5.71 -29.87 9.51
N SER B 26 -7.01 -30.02 9.32
CA SER B 26 -7.99 -29.86 10.39
C SER B 26 -9.09 -30.89 10.21
N ARG B 27 -9.19 -31.82 11.17
CA ARG B 27 -10.14 -32.93 11.09
C ARG B 27 -10.91 -33.07 12.40
N THR B 28 -11.91 -33.96 12.41
CA THR B 28 -12.78 -34.14 13.59
C THR B 28 -12.43 -35.35 14.45
N GLU B 29 -11.76 -36.33 13.84
CA GLU B 29 -11.41 -37.57 14.55
C GLU B 29 -9.91 -37.84 14.53
N ASN B 30 -9.45 -38.56 15.54
CA ASN B 30 -8.05 -39.00 15.68
C ASN B 30 -7.04 -37.86 15.93
N PRO B 31 -6.74 -37.59 17.21
CA PRO B 31 -5.70 -36.63 17.61
C PRO B 31 -4.32 -36.95 17.01
N PRO B 32 -3.55 -35.92 16.60
CA PRO B 32 -3.91 -34.50 16.68
C PRO B 32 -4.92 -34.07 15.61
N LEU B 33 -5.95 -33.33 16.03
CA LEU B 33 -7.01 -32.89 15.13
C LEU B 33 -6.56 -31.77 14.20
N VAL B 34 -5.65 -30.92 14.68
CA VAL B 34 -4.98 -29.94 13.84
C VAL B 34 -3.47 -30.16 13.94
N TRP B 35 -2.82 -30.31 12.79
CA TRP B 35 -1.39 -30.60 12.75
C TRP B 35 -0.86 -30.30 11.38
N GLN B 36 0.39 -30.68 11.13
CA GLN B 36 1.01 -30.47 9.82
C GLN B 36 1.21 -31.79 9.07
N TYR B 37 1.34 -31.71 7.75
CA TYR B 37 1.45 -32.90 6.91
C TYR B 37 2.32 -32.66 5.68
N ASN B 38 3.17 -33.64 5.39
CA ASN B 38 3.99 -33.66 4.18
C ASN B 38 3.56 -34.79 3.27
N GLY B 39 2.79 -34.45 2.24
CA GLY B 39 2.27 -35.46 1.32
C GLY B 39 1.18 -34.94 0.40
N PRO B 40 0.42 -35.87 -0.21
CA PRO B 40 -0.56 -35.52 -1.25
C PRO B 40 -1.74 -34.70 -0.72
N PRO B 41 -2.45 -34.00 -1.63
CA PRO B 41 -3.61 -33.19 -1.26
C PRO B 41 -4.79 -34.03 -0.75
N TYR B 42 -5.34 -33.62 0.39
CA TYR B 42 -6.57 -34.19 0.93
C TYR B 42 -7.51 -33.07 1.36
N ASP B 43 -8.79 -33.38 1.44
CA ASP B 43 -9.81 -32.36 1.68
C ASP B 43 -9.69 -31.63 3.02
N ASP B 44 -9.16 -32.32 4.04
CA ASP B 44 -9.01 -31.70 5.36
C ASP B 44 -7.85 -30.69 5.43
N GLN B 45 -7.22 -30.45 4.29
CA GLN B 45 -6.18 -29.43 4.16
C GLN B 45 -6.79 -28.17 3.55
N LEU B 46 -8.06 -28.27 3.15
CA LEU B 46 -8.74 -27.15 2.49
C LEU B 46 -9.45 -26.25 3.49
N PHE B 47 -9.22 -24.96 3.36
CA PHE B 47 -9.85 -23.95 4.20
C PHE B 47 -10.49 -22.85 3.38
N THR B 48 -11.44 -22.15 4.01
CA THR B 48 -11.95 -20.87 3.53
C THR B 48 -11.88 -19.88 4.68
N LEU B 49 -11.99 -18.59 4.37
CA LEU B 49 -12.01 -17.55 5.38
C LEU B 49 -13.39 -16.93 5.54
N ILE B 50 -13.81 -16.73 6.78
CA ILE B 50 -14.90 -15.83 7.11
C ILE B 50 -14.27 -14.47 7.43
N TYR B 51 -14.68 -13.43 6.71
CA TYR B 51 -14.15 -12.09 6.93
C TYR B 51 -14.80 -11.47 8.15
N GLY B 52 -13.99 -11.05 9.11
CA GLY B 52 -14.49 -10.31 10.25
C GLY B 52 -14.95 -8.91 9.85
N THR B 53 -15.96 -8.42 10.57
CA THR B 53 -16.43 -7.04 10.40
C THR B 53 -16.61 -6.40 11.76
N GLY B 54 -16.85 -5.09 11.76
CA GLY B 54 -17.02 -4.35 13.00
C GLY B 54 -15.78 -4.48 13.83
N PRO B 55 -15.91 -5.03 15.06
CA PRO B 55 -14.75 -5.17 15.94
C PRO B 55 -13.75 -6.22 15.43
N ARG B 56 -14.17 -7.06 14.50
CA ARG B 56 -13.29 -8.09 13.93
C ARG B 56 -12.72 -7.72 12.55
N LYS B 57 -12.86 -6.45 12.16
CA LYS B 57 -12.27 -5.99 10.91
C LYS B 57 -10.77 -6.25 10.92
N ASN B 58 -10.27 -6.78 9.80
CA ASN B 58 -8.89 -7.21 9.63
C ASN B 58 -8.55 -8.52 10.34
N LEU B 59 -9.57 -9.15 10.92
CA LEU B 59 -9.43 -10.51 11.43
C LEU B 59 -10.31 -11.46 10.62
N TYR B 60 -9.97 -12.75 10.70
CA TYR B 60 -10.60 -13.78 9.87
C TYR B 60 -10.73 -15.08 10.65
N ALA B 61 -11.83 -15.79 10.41
CA ALA B 61 -11.96 -17.15 10.93
C ALA B 61 -11.54 -18.11 9.83
N ILE B 62 -10.80 -19.14 10.21
CA ILE B 62 -10.28 -20.11 9.24
C ILE B 62 -11.09 -21.39 9.35
N LYS B 63 -11.97 -21.60 8.37
CA LYS B 63 -12.95 -22.69 8.41
C LYS B 63 -12.53 -23.87 7.53
N SER B 64 -12.62 -25.07 8.09
CA SER B 64 -12.28 -26.30 7.37
C SER B 64 -13.41 -26.70 6.43
N VAL B 65 -13.07 -26.92 5.16
CA VAL B 65 -14.07 -27.30 4.14
C VAL B 65 -14.86 -28.58 4.46
N PRO B 66 -14.17 -29.72 4.70
CA PRO B 66 -14.94 -30.95 4.92
C PRO B 66 -15.82 -30.98 6.16
N ASN B 67 -15.37 -30.35 7.25
CA ASN B 67 -16.07 -30.50 8.53
C ASN B 67 -16.68 -29.21 9.09
N GLY B 68 -16.30 -28.07 8.53
CA GLY B 68 -16.89 -26.78 8.90
C GLY B 68 -16.45 -26.19 10.23
N ARG B 69 -15.49 -26.83 10.89
CA ARG B 69 -14.97 -26.29 12.15
C ARG B 69 -13.99 -25.17 11.85
N VAL B 70 -13.91 -24.20 12.76
CA VAL B 70 -12.91 -23.14 12.65
C VAL B 70 -11.70 -23.42 13.52
N LEU B 71 -10.54 -22.94 13.09
CA LEU B 71 -9.32 -23.07 13.89
C LEU B 71 -9.35 -22.20 15.14
N PHE B 72 -8.69 -22.67 16.19
CA PHE B 72 -8.34 -21.80 17.33
C PHE B 72 -6.85 -21.90 17.65
N SER B 73 -6.33 -20.84 18.27
CA SER B 73 -4.96 -20.83 18.75
C SER B 73 -4.96 -20.12 20.09
N ARG B 74 -4.61 -20.87 21.14
CA ARG B 74 -4.74 -20.41 22.51
C ARG B 74 -3.54 -20.82 23.36
N THR B 75 -3.42 -20.19 24.53
CA THR B 75 -2.36 -20.53 25.49
C THR B 75 -2.96 -21.00 26.81
N SER B 76 -4.29 -20.97 26.88
CA SER B 76 -5.03 -21.25 28.11
CA SER B 76 -5.01 -21.24 28.12
C SER B 76 -5.14 -22.73 28.46
N ALA B 77 -5.19 -23.57 27.43
CA ALA B 77 -5.40 -25.01 27.61
C ALA B 77 -4.91 -25.82 26.43
N SER B 78 -4.63 -27.11 26.67
CA SER B 78 -4.22 -28.05 25.63
C SER B 78 -5.41 -28.83 25.06
N PRO B 79 -5.42 -29.08 23.73
CA PRO B 79 -4.41 -28.66 22.75
C PRO B 79 -4.43 -27.15 22.48
N TYR B 80 -3.24 -26.57 22.29
CA TYR B 80 -3.11 -25.12 22.07
C TYR B 80 -3.63 -24.68 20.70
N VAL B 81 -3.41 -25.52 19.69
CA VAL B 81 -3.97 -25.29 18.36
C VAL B 81 -4.99 -26.39 18.08
N GLY B 82 -6.20 -26.00 17.71
CA GLY B 82 -7.25 -26.97 17.45
C GLY B 82 -8.37 -26.40 16.62
N ASN B 83 -9.50 -27.09 16.62
CA ASN B 83 -10.68 -26.61 15.93
C ASN B 83 -11.93 -26.75 16.78
N ILE B 84 -12.98 -26.03 16.39
CA ILE B 84 -14.23 -26.01 17.13
C ILE B 84 -15.37 -25.66 16.17
N ALA B 85 -16.56 -26.18 16.43
CA ALA B 85 -17.73 -25.86 15.61
C ALA B 85 -18.11 -24.38 15.67
N GLY B 86 -18.80 -23.92 14.64
CA GLY B 86 -19.28 -22.55 14.59
C GLY B 86 -18.58 -21.75 13.51
N ASP B 87 -18.80 -20.44 13.56
CA ASP B 87 -18.26 -19.52 12.56
C ASP B 87 -17.34 -18.49 13.21
N GLY B 88 -16.83 -18.82 14.40
CA GLY B 88 -15.97 -17.91 15.16
C GLY B 88 -16.61 -17.39 16.43
N THR B 89 -17.23 -18.28 17.19
CA THR B 89 -17.88 -17.92 18.46
C THR B 89 -16.94 -17.26 19.46
N TYR B 90 -15.72 -17.81 19.56
CA TYR B 90 -14.77 -17.42 20.59
C TYR B 90 -13.71 -16.49 20.02
N ASN B 91 -13.22 -15.56 20.85
CA ASN B 91 -12.24 -14.59 20.35
C ASN B 91 -10.95 -15.24 19.82
N ASP B 92 -10.58 -16.38 20.38
CA ASP B 92 -9.39 -17.10 19.91
C ASP B 92 -9.60 -17.86 18.59
N ASN B 93 -10.78 -17.68 17.98
CA ASN B 93 -11.05 -18.20 16.64
C ASN B 93 -10.67 -17.20 15.55
N TRP B 94 -10.15 -16.04 15.95
CA TRP B 94 -9.92 -14.94 15.00
C TRP B 94 -8.48 -14.62 14.74
N PHE B 95 -8.11 -14.65 13.48
CA PHE B 95 -6.71 -14.51 13.08
C PHE B 95 -6.45 -13.29 12.22
N GLN B 96 -5.26 -12.74 12.37
CA GLN B 96 -4.75 -11.67 11.54
C GLN B 96 -3.63 -12.25 10.68
N PHE B 97 -3.57 -11.86 9.42
CA PHE B 97 -2.46 -12.29 8.56
C PHE B 97 -1.49 -11.13 8.39
N ILE B 98 -0.33 -11.27 9.03
CA ILE B 98 0.67 -10.19 9.11
C ILE B 98 1.84 -10.48 8.18
N GLN B 99 1.99 -9.62 7.17
CA GLN B 99 3.06 -9.76 6.20
C GLN B 99 4.42 -9.73 6.89
N ASP B 100 5.33 -10.59 6.43
CA ASP B 100 6.69 -10.57 6.94
C ASP B 100 7.38 -9.24 6.63
N ASP B 101 8.30 -8.84 7.51
CA ASP B 101 9.07 -7.61 7.35
C ASP B 101 10.03 -7.64 6.16
N ASN B 102 10.50 -8.84 5.81
CA ASN B 102 11.53 -9.03 4.78
C ASN B 102 10.97 -9.63 3.50
N ASP B 103 10.11 -10.64 3.66
CA ASP B 103 9.53 -11.38 2.54
C ASP B 103 8.08 -10.93 2.32
N PRO B 104 7.83 -10.16 1.24
CA PRO B 104 6.49 -9.62 0.96
C PRO B 104 5.44 -10.68 0.63
N ASN B 105 5.89 -11.90 0.29
CA ASN B 105 4.99 -12.94 -0.18
C ASN B 105 4.59 -13.95 0.89
N SER B 106 5.09 -13.78 2.11
CA SER B 106 4.69 -14.65 3.21
C SER B 106 4.17 -13.86 4.42
N PHE B 107 3.53 -14.56 5.33
CA PHE B 107 2.85 -13.93 6.45
C PHE B 107 2.83 -14.82 7.66
N ARG B 108 2.57 -14.20 8.81
CA ARG B 108 2.35 -14.91 10.05
C ARG B 108 0.87 -15.05 10.28
N ILE B 109 0.48 -16.20 10.82
CA ILE B 109 -0.90 -16.47 11.20
C ILE B 109 -1.00 -16.16 12.68
N TYR B 110 -1.47 -14.95 12.95
CA TYR B 110 -1.44 -14.36 14.28
C TYR B 110 -2.81 -14.38 14.95
N ASN B 111 -2.82 -14.73 16.23
CA ASN B 111 -4.03 -14.73 17.01
C ASN B 111 -3.99 -13.58 18.02
N LEU B 112 -4.92 -12.63 17.87
CA LEU B 112 -4.96 -11.45 18.75
C LEU B 112 -5.33 -11.82 20.20
N ALA B 113 -6.29 -12.73 20.35
CA ALA B 113 -6.72 -13.13 21.68
C ALA B 113 -5.59 -13.73 22.52
N SER B 114 -4.77 -14.57 21.89
CA SER B 114 -3.71 -15.26 22.60
C SER B 114 -2.30 -14.70 22.40
N ASP B 115 -2.16 -13.70 21.52
CA ASP B 115 -0.84 -13.15 21.17
C ASP B 115 0.14 -14.23 20.70
N THR B 116 -0.32 -15.13 19.83
CA THR B 116 0.51 -16.22 19.30
C THR B 116 0.57 -16.24 17.78
N VAL B 117 1.62 -16.85 17.25
CA VAL B 117 1.67 -17.19 15.83
C VAL B 117 1.83 -18.70 15.66
N LEU B 118 1.38 -19.21 14.51
CA LEU B 118 1.56 -20.62 14.19
C LEU B 118 2.94 -20.88 13.60
N TYR B 119 3.51 -22.05 13.90
CA TYR B 119 4.79 -22.43 13.31
C TYR B 119 4.80 -23.85 12.77
N SER B 120 5.74 -24.09 11.84
CA SER B 120 5.96 -25.40 11.26
C SER B 120 7.47 -25.63 11.16
N ARG B 121 7.95 -26.69 11.79
CA ARG B 121 9.38 -27.00 11.76
C ARG B 121 9.63 -28.49 11.60
N THR B 122 10.89 -28.83 11.33
CA THR B 122 11.31 -30.22 11.22
C THR B 122 12.22 -30.60 12.40
N THR B 123 12.50 -29.63 13.26
CA THR B 123 13.44 -29.83 14.36
C THR B 123 12.82 -30.62 15.52
N ALA B 124 12.58 -29.96 16.64
CA ALA B 124 12.11 -30.65 17.84
C ALA B 124 10.60 -30.62 18.01
N ASP B 125 10.10 -31.58 18.79
CA ASP B 125 8.69 -31.66 19.16
C ASP B 125 8.36 -30.58 20.19
N PRO B 126 7.16 -29.97 20.09
CA PRO B 126 6.17 -30.22 19.03
C PRO B 126 6.56 -29.55 17.71
N LYS B 127 6.49 -30.31 16.62
CA LYS B 127 6.94 -29.83 15.31
C LYS B 127 5.96 -28.83 14.68
N PHE B 128 4.72 -28.84 15.16
CA PHE B 128 3.70 -27.85 14.78
C PHE B 128 3.09 -27.33 16.07
N GLY B 129 2.71 -26.06 16.08
CA GLY B 129 2.07 -25.48 17.25
C GLY B 129 1.99 -23.97 17.15
N ASN B 130 1.80 -23.32 18.30
CA ASN B 130 1.81 -21.87 18.36
C ASN B 130 2.91 -21.34 19.29
N PHE B 131 3.13 -20.04 19.25
CA PHE B 131 4.28 -19.43 19.92
C PHE B 131 4.09 -17.93 20.14
N THR B 132 4.39 -17.49 21.36
CA THR B 132 4.45 -16.08 21.71
C THR B 132 5.92 -15.73 21.91
N GLY B 133 6.44 -14.89 21.02
CA GLY B 133 7.83 -14.45 21.16
C GLY B 133 8.42 -13.94 19.86
N ALA B 134 9.73 -14.10 19.73
CA ALA B 134 10.48 -13.55 18.61
C ALA B 134 10.07 -14.08 17.24
N LYS B 135 10.40 -13.31 16.21
CA LYS B 135 10.13 -13.71 14.83
C LYS B 135 11.16 -14.72 14.33
N TYR B 136 10.66 -15.85 13.88
CA TYR B 136 11.49 -16.88 13.24
C TYR B 136 10.90 -17.23 11.89
N ASP B 137 11.75 -17.70 10.99
CA ASP B 137 11.33 -18.03 9.62
C ASP B 137 10.31 -19.17 9.57
N ASP B 138 10.32 -20.04 10.58
CA ASP B 138 9.39 -21.18 10.62
C ASP B 138 7.95 -20.78 10.95
N GLN B 139 7.72 -19.47 11.09
CA GLN B 139 6.39 -18.93 11.35
C GLN B 139 5.78 -18.35 10.07
N LEU B 140 6.45 -18.56 8.94
CA LEU B 140 6.02 -17.96 7.68
C LEU B 140 5.21 -18.91 6.81
N TRP B 141 4.09 -18.40 6.29
CA TRP B 141 3.12 -19.20 5.56
C TRP B 141 2.77 -18.58 4.23
N HIS B 142 2.29 -19.43 3.31
CA HIS B 142 1.67 -19.01 2.06
C HIS B 142 0.24 -19.46 2.00
N PHE B 143 -0.58 -18.68 1.32
CA PHE B 143 -1.89 -19.14 0.84
C PHE B 143 -1.68 -19.88 -0.47
N GLU B 144 -2.11 -21.14 -0.52
CA GLU B 144 -1.98 -21.94 -1.74
C GLU B 144 -3.36 -22.17 -2.33
N LEU B 145 -3.64 -21.50 -3.45
CA LEU B 145 -4.98 -21.51 -4.04
C LEU B 145 -5.22 -22.82 -4.80
N VAL B 146 -6.46 -23.29 -4.78
CA VAL B 146 -6.80 -24.60 -5.38
C VAL B 146 -7.76 -24.48 -6.57
N VAL C 1 11.05 7.60 -15.01
CA VAL C 1 11.73 7.78 -16.34
C VAL C 1 11.33 6.63 -17.26
N ASN C 2 10.90 6.97 -18.47
CA ASN C 2 10.59 5.96 -19.47
C ASN C 2 11.85 5.19 -19.84
N PHE C 3 11.71 3.89 -20.00
CA PHE C 3 12.82 3.04 -20.43
C PHE C 3 13.40 3.58 -21.73
N PRO C 4 14.73 3.81 -21.77
CA PRO C 4 15.33 4.49 -22.93
C PRO C 4 15.53 3.63 -24.18
N ASN C 5 15.37 2.31 -24.06
CA ASN C 5 15.57 1.38 -25.17
C ASN C 5 14.33 0.56 -25.48
N ILE C 6 13.26 1.25 -25.85
CA ILE C 6 12.00 0.61 -26.24
C ILE C 6 12.13 0.25 -27.72
N PRO C 7 11.86 -1.02 -28.10
CA PRO C 7 11.99 -1.43 -29.50
C PRO C 7 11.17 -0.53 -30.43
N ALA C 8 11.69 -0.29 -31.65
CA ALA C 8 10.96 0.50 -32.64
C ALA C 8 9.65 -0.20 -33.01
N GLU C 9 8.65 0.60 -33.40
CA GLU C 9 7.34 0.08 -33.76
C GLU C 9 7.47 -1.05 -34.79
N GLY C 10 6.86 -2.20 -34.50
CA GLY C 10 6.87 -3.33 -35.41
C GLY C 10 7.97 -4.34 -35.18
N VAL C 11 9.03 -3.94 -34.48
CA VAL C 11 10.12 -4.85 -34.16
C VAL C 11 9.65 -5.95 -33.21
N GLN C 12 10.02 -7.19 -33.51
CA GLN C 12 9.61 -8.35 -32.71
C GLN C 12 10.49 -8.53 -31.48
N PHE C 13 9.87 -8.96 -30.38
CA PHE C 13 10.58 -9.22 -29.13
C PHE C 13 9.81 -10.18 -28.24
N ARG C 14 10.53 -10.77 -27.29
CA ARG C 14 9.92 -11.44 -26.15
C ARG C 14 10.00 -10.55 -24.93
N LEU C 15 9.04 -10.72 -24.03
CA LEU C 15 9.07 -10.07 -22.72
C LEU C 15 9.52 -11.07 -21.68
N ARG C 16 10.75 -10.90 -21.18
CA ARG C 16 11.30 -11.82 -20.20
C ARG C 16 11.54 -11.14 -18.86
N ALA C 17 11.05 -11.76 -17.79
CA ALA C 17 11.21 -11.25 -16.43
C ALA C 17 12.65 -11.35 -15.99
N ARG C 18 13.17 -10.27 -15.40
CA ARG C 18 14.57 -10.21 -15.01
C ARG C 18 14.98 -11.30 -14.03
N ASP C 19 14.16 -11.49 -13.00
CA ASP C 19 14.53 -12.40 -11.92
C ASP C 19 14.18 -13.87 -12.19
N THR C 20 12.94 -14.15 -12.57
CA THR C 20 12.54 -15.53 -12.85
C THR C 20 13.12 -16.06 -14.17
N GLY C 21 13.32 -15.15 -15.12
CA GLY C 21 13.71 -15.53 -16.47
C GLY C 21 12.60 -16.19 -17.27
N TYR C 22 11.36 -16.01 -16.83
CA TYR C 22 10.19 -16.52 -17.53
C TYR C 22 9.73 -15.51 -18.58
N VAL C 23 9.15 -16.02 -19.67
CA VAL C 23 8.59 -15.15 -20.71
C VAL C 23 7.07 -15.09 -20.62
N ILE C 24 6.52 -13.97 -21.07
CA ILE C 24 5.08 -13.85 -21.26
C ILE C 24 4.66 -14.52 -22.56
N TYR C 25 3.54 -15.24 -22.53
CA TYR C 25 2.89 -15.70 -23.76
C TYR C 25 1.47 -15.17 -23.86
N SER C 26 0.98 -15.09 -25.09
CA SER C 26 -0.35 -14.58 -25.37
C SER C 26 -0.98 -15.47 -26.44
N ARG C 27 -2.01 -16.22 -26.06
CA ARG C 27 -2.67 -17.14 -26.98
C ARG C 27 -4.19 -16.99 -26.93
N THR C 28 -4.88 -17.62 -27.87
CA THR C 28 -6.33 -17.40 -28.03
C THR C 28 -7.20 -18.48 -27.41
N GLU C 29 -6.61 -19.65 -27.16
CA GLU C 29 -7.35 -20.78 -26.61
C GLU C 29 -6.56 -21.47 -25.50
N ASN C 30 -7.28 -22.17 -24.64
CA ASN C 30 -6.73 -22.89 -23.48
C ASN C 30 -6.16 -21.98 -22.40
N PRO C 31 -6.99 -21.65 -21.39
CA PRO C 31 -6.60 -20.83 -20.24
C PRO C 31 -5.46 -21.44 -19.44
N PRO C 32 -4.58 -20.61 -18.85
CA PRO C 32 -4.62 -19.14 -18.92
C PRO C 32 -4.15 -18.62 -20.29
N LEU C 33 -4.87 -17.64 -20.84
CA LEU C 33 -4.58 -17.16 -22.19
C LEU C 33 -3.34 -16.26 -22.23
N VAL C 34 -3.09 -15.57 -21.13
CA VAL C 34 -1.84 -14.83 -20.95
C VAL C 34 -1.24 -15.31 -19.63
N TRP C 35 -0.01 -15.82 -19.71
CA TRP C 35 0.68 -16.34 -18.54
C TRP C 35 2.17 -16.29 -18.76
N GLN C 36 2.92 -16.91 -17.86
CA GLN C 36 4.38 -16.99 -17.95
C GLN C 36 4.85 -18.42 -18.25
N TYR C 37 6.02 -18.53 -18.88
CA TYR C 37 6.54 -19.83 -19.32
C TYR C 37 8.06 -19.87 -19.23
N ASN C 38 8.58 -21.00 -18.76
CA ASN C 38 10.02 -21.26 -18.75
C ASN C 38 10.35 -22.39 -19.70
N GLY C 39 10.91 -22.05 -20.86
CA GLY C 39 11.30 -23.06 -21.84
C GLY C 39 11.64 -22.47 -23.19
N PRO C 40 11.60 -23.32 -24.23
CA PRO C 40 11.99 -22.96 -25.59
C PRO C 40 11.17 -21.80 -26.19
N PRO C 41 11.73 -21.11 -27.20
CA PRO C 41 11.03 -20.05 -27.91
C PRO C 41 9.84 -20.58 -28.74
N TYR C 42 8.69 -19.94 -28.58
CA TYR C 42 7.52 -20.23 -29.41
C TYR C 42 6.90 -18.94 -29.92
N ASP C 43 6.09 -19.04 -30.98
CA ASP C 43 5.50 -17.87 -31.62
C ASP C 43 4.64 -17.01 -30.70
N ASP C 44 3.88 -17.64 -29.79
CA ASP C 44 2.97 -16.89 -28.92
C ASP C 44 3.68 -16.09 -27.82
N GLN C 45 5.01 -16.18 -27.81
CA GLN C 45 5.85 -15.37 -26.93
C GLN C 45 6.31 -14.09 -27.66
N LEU C 46 6.00 -14.01 -28.96
CA LEU C 46 6.46 -12.90 -29.78
C LEU C 46 5.47 -11.75 -29.80
N PHE C 47 5.99 -10.54 -29.56
CA PHE C 47 5.16 -9.34 -29.54
C PHE C 47 5.78 -8.23 -30.38
N THR C 48 4.95 -7.27 -30.76
CA THR C 48 5.41 -5.99 -31.30
C THR C 48 4.66 -4.88 -30.56
N LEU C 49 5.16 -3.66 -30.67
CA LEU C 49 4.48 -2.53 -30.08
C LEU C 49 3.73 -1.71 -31.12
N ILE C 50 2.53 -1.29 -30.75
CA ILE C 50 1.85 -0.21 -31.44
C ILE C 50 2.17 1.05 -30.64
N TYR C 51 2.82 2.02 -31.27
CA TYR C 51 3.17 3.26 -30.58
C TYR C 51 1.95 4.14 -30.40
N GLY C 52 1.68 4.52 -29.16
CA GLY C 52 0.62 5.49 -28.89
C GLY C 52 1.00 6.88 -29.37
N THR C 53 0.01 7.64 -29.83
CA THR C 53 0.24 9.03 -30.25
C THR C 53 -0.79 9.94 -29.60
N GLY C 54 -0.53 11.25 -29.64
CA GLY C 54 -1.44 12.25 -29.07
C GLY C 54 -1.61 12.03 -27.58
N PRO C 55 -2.84 11.71 -27.14
CA PRO C 55 -3.11 11.47 -25.71
C PRO C 55 -2.41 10.22 -25.20
N ARG C 56 -1.98 9.35 -26.12
CA ARG C 56 -1.30 8.11 -25.78
C ARG C 56 0.21 8.14 -25.99
N LYS C 57 0.76 9.32 -26.22
CA LYS C 57 2.22 9.45 -26.34
C LYS C 57 2.88 8.90 -25.07
N ASN C 58 3.91 8.09 -25.28
CA ASN C 58 4.64 7.38 -24.21
C ASN C 58 3.91 6.15 -23.66
N LEU C 59 2.80 5.79 -24.30
CA LEU C 59 2.11 4.55 -24.02
C LEU C 59 2.17 3.67 -25.28
N TYR C 60 2.00 2.37 -25.08
CA TYR C 60 2.17 1.38 -26.13
C TYR C 60 1.20 0.22 -25.93
N ALA C 61 0.72 -0.31 -27.05
CA ALA C 61 -0.03 -1.55 -27.03
C ALA C 61 0.91 -2.70 -27.37
N ILE C 62 0.74 -3.83 -26.69
CA ILE C 62 1.61 -4.98 -26.84
C ILE C 62 0.85 -6.05 -27.62
N LYS C 63 1.21 -6.22 -28.89
CA LYS C 63 0.42 -6.98 -29.84
C LYS C 63 1.08 -8.31 -30.18
N SER C 64 0.31 -9.40 -30.10
CA SER C 64 0.81 -10.75 -30.40
C SER C 64 1.12 -10.93 -31.87
N VAL C 65 2.30 -11.47 -32.18
CA VAL C 65 2.68 -11.76 -33.56
C VAL C 65 1.75 -12.79 -34.22
N PRO C 66 1.58 -13.99 -33.63
CA PRO C 66 0.74 -14.99 -34.29
C PRO C 66 -0.75 -14.69 -34.32
N ASN C 67 -1.30 -14.06 -33.28
CA ASN C 67 -2.75 -13.95 -33.16
C ASN C 67 -3.32 -12.53 -33.21
N GLY C 68 -2.45 -11.53 -33.15
CA GLY C 68 -2.86 -10.14 -33.30
C GLY C 68 -3.56 -9.50 -32.11
N ARG C 69 -3.82 -10.28 -31.06
CA ARG C 69 -4.43 -9.73 -29.85
C ARG C 69 -3.44 -8.83 -29.11
N VAL C 70 -3.97 -7.78 -28.48
CA VAL C 70 -3.13 -6.93 -27.61
C VAL C 70 -3.38 -7.30 -26.15
N LEU C 71 -2.36 -7.08 -25.32
CA LEU C 71 -2.47 -7.35 -23.89
C LEU C 71 -3.34 -6.32 -23.21
N PHE C 72 -3.92 -6.71 -22.06
CA PHE C 72 -4.58 -5.76 -21.19
C PHE C 72 -4.29 -6.15 -19.75
N SER C 73 -4.41 -5.16 -18.87
CA SER C 73 -4.20 -5.34 -17.44
C SER C 73 -5.24 -4.49 -16.71
N ARG C 74 -6.12 -5.16 -15.97
CA ARG C 74 -7.28 -4.50 -15.35
C ARG C 74 -7.52 -5.04 -13.94
N THR C 75 -8.42 -4.38 -13.21
CA THR C 75 -8.78 -4.85 -11.88
C THR C 75 -10.29 -5.03 -11.71
N SER C 76 -11.03 -4.85 -12.81
CA SER C 76 -12.49 -4.89 -12.79
CA SER C 76 -12.49 -4.89 -12.77
C SER C 76 -13.08 -6.30 -12.88
N ALA C 77 -12.37 -7.20 -13.55
CA ALA C 77 -12.86 -8.55 -13.75
C ALA C 77 -11.73 -9.50 -14.09
N SER C 78 -11.97 -10.79 -13.84
CA SER C 78 -11.03 -11.85 -14.21
C SER C 78 -11.29 -12.31 -15.63
N PRO C 79 -10.22 -12.65 -16.37
CA PRO C 79 -8.82 -12.57 -15.97
C PRO C 79 -8.32 -11.13 -15.87
N TYR C 80 -7.50 -10.85 -14.87
CA TYR C 80 -6.98 -9.50 -14.65
C TYR C 80 -5.95 -9.11 -15.71
N VAL C 81 -5.12 -10.07 -16.09
CA VAL C 81 -4.20 -9.89 -17.22
C VAL C 81 -4.63 -10.80 -18.35
N GLY C 82 -4.80 -10.24 -19.54
CA GLY C 82 -5.29 -11.04 -20.65
C GLY C 82 -5.03 -10.37 -21.98
N ASN C 83 -5.77 -10.82 -22.99
CA ASN C 83 -5.62 -10.31 -24.34
C ASN C 83 -6.96 -10.10 -25.03
N ILE C 84 -6.95 -9.28 -26.09
CA ILE C 84 -8.17 -8.90 -26.79
C ILE C 84 -7.80 -8.41 -28.19
N ALA C 85 -8.67 -8.69 -29.15
CA ALA C 85 -8.50 -8.22 -30.52
C ALA C 85 -8.64 -6.70 -30.61
N GLY C 86 -8.24 -6.17 -31.75
CA GLY C 86 -8.17 -4.73 -31.95
C GLY C 86 -6.72 -4.32 -31.93
N ASP C 87 -6.50 -3.02 -32.06
CA ASP C 87 -5.16 -2.48 -32.04
C ASP C 87 -5.06 -1.45 -30.93
N GLY C 88 -5.53 -1.86 -29.75
CA GLY C 88 -5.59 -0.98 -28.60
C GLY C 88 -6.87 -0.16 -28.55
N THR C 89 -7.99 -0.80 -28.86
CA THR C 89 -9.31 -0.18 -28.83
C THR C 89 -9.66 0.29 -27.42
N TYR C 90 -9.19 -0.46 -26.42
CA TYR C 90 -9.59 -0.25 -25.03
C TYR C 90 -8.51 0.41 -24.19
N ASN C 91 -8.94 1.28 -23.28
CA ASN C 91 -8.02 2.09 -22.48
C ASN C 91 -6.99 1.26 -21.71
N ASP C 92 -7.41 0.11 -21.21
CA ASP C 92 -6.52 -0.76 -20.44
C ASP C 92 -5.58 -1.59 -21.32
N ASN C 93 -5.55 -1.29 -22.62
CA ASN C 93 -4.59 -1.92 -23.54
C ASN C 93 -3.29 -1.13 -23.65
N TRP C 94 -3.16 -0.05 -22.88
CA TRP C 94 -2.05 0.88 -23.07
C TRP C 94 -1.08 0.91 -21.92
N PHE C 95 0.18 0.64 -22.25
CA PHE C 95 1.22 0.44 -21.25
C PHE C 95 2.34 1.44 -21.37
N GLN C 96 2.87 1.82 -20.21
CA GLN C 96 4.06 2.64 -20.13
C GLN C 96 5.20 1.74 -19.67
N PHE C 97 6.39 1.93 -20.23
CA PHE C 97 7.54 1.16 -19.80
C PHE C 97 8.43 2.06 -18.93
N ILE C 98 8.40 1.82 -17.62
CA ILE C 98 9.08 2.69 -16.65
C ILE C 98 10.39 2.05 -16.19
N GLN C 99 11.49 2.72 -16.50
CA GLN C 99 12.81 2.25 -16.11
C GLN C 99 12.92 2.13 -14.59
N ASP C 100 13.56 1.06 -14.14
CA ASP C 100 13.78 0.89 -12.71
C ASP C 100 14.78 1.90 -12.18
N ASP C 101 14.55 2.34 -10.95
CA ASP C 101 15.35 3.35 -10.28
C ASP C 101 16.78 2.91 -9.95
N ASN C 102 16.96 1.61 -9.73
CA ASN C 102 18.25 1.04 -9.32
C ASN C 102 18.93 0.26 -10.44
N ASP C 103 18.12 -0.27 -11.35
CA ASP C 103 18.65 -1.08 -12.44
C ASP C 103 18.21 -0.46 -13.76
N PRO C 104 19.11 0.29 -14.42
CA PRO C 104 18.72 0.96 -15.67
C PRO C 104 18.41 0.01 -16.83
N ASN C 105 18.76 -1.27 -16.67
CA ASN C 105 18.59 -2.26 -17.73
C ASN C 105 17.24 -2.97 -17.73
N SER C 106 16.41 -2.69 -16.73
CA SER C 106 15.08 -3.31 -16.67
C SER C 106 14.00 -2.27 -16.42
N PHE C 107 12.74 -2.67 -16.58
CA PHE C 107 11.61 -1.74 -16.52
C PHE C 107 10.35 -2.41 -16.00
N ARG C 108 9.42 -1.60 -15.53
CA ARG C 108 8.08 -2.08 -15.20
C ARG C 108 7.14 -1.90 -16.37
N ILE C 109 6.23 -2.86 -16.50
CA ILE C 109 5.17 -2.81 -17.50
C ILE C 109 3.93 -2.25 -16.81
N TYR C 110 3.73 -0.94 -16.96
CA TYR C 110 2.76 -0.21 -16.16
C TYR C 110 1.50 0.15 -16.96
N ASN C 111 0.33 -0.10 -16.36
CA ASN C 111 -0.93 0.22 -17.02
C ASN C 111 -1.55 1.48 -16.43
N LEU C 112 -1.71 2.52 -17.25
CA LEU C 112 -2.25 3.80 -16.78
C LEU C 112 -3.73 3.71 -16.39
N ALA C 113 -4.51 2.96 -17.17
CA ALA C 113 -5.93 2.78 -16.88
C ALA C 113 -6.18 2.15 -15.50
N SER C 114 -5.43 1.10 -15.18
CA SER C 114 -5.66 0.35 -13.95
C SER C 114 -4.67 0.64 -12.81
N ASP C 115 -3.63 1.43 -13.10
CA ASP C 115 -2.57 1.75 -12.11
C ASP C 115 -1.90 0.48 -11.56
N THR C 116 -1.59 -0.46 -12.46
CA THR C 116 -1.00 -1.74 -12.08
C THR C 116 0.29 -1.99 -12.85
N VAL C 117 1.12 -2.87 -12.31
CA VAL C 117 2.31 -3.37 -13.00
C VAL C 117 2.22 -4.89 -13.09
N LEU C 118 2.83 -5.46 -14.13
CA LEU C 118 2.90 -6.91 -14.26
C LEU C 118 4.04 -7.47 -13.42
N TYR C 119 3.84 -8.66 -12.86
CA TYR C 119 4.90 -9.35 -12.11
C TYR C 119 5.05 -10.80 -12.52
N SER C 120 6.24 -11.34 -12.25
CA SER C 120 6.55 -12.75 -12.45
C SER C 120 7.30 -13.29 -11.24
N ARG C 121 6.77 -14.36 -10.65
CA ARG C 121 7.42 -14.98 -9.48
C ARG C 121 7.29 -16.51 -9.47
N THR C 122 8.04 -17.16 -8.60
CA THR C 122 8.05 -18.62 -8.47
C THR C 122 7.40 -19.09 -7.17
N THR C 123 7.04 -18.13 -6.33
CA THR C 123 6.64 -18.41 -4.95
C THR C 123 5.11 -18.43 -4.75
N ALA C 124 4.58 -17.35 -4.18
CA ALA C 124 3.17 -17.27 -3.81
C ALA C 124 2.23 -17.22 -5.01
N ASP C 125 1.06 -17.86 -4.87
CA ASP C 125 0.00 -17.81 -5.87
C ASP C 125 -0.75 -16.47 -5.80
N PRO C 126 -1.11 -15.90 -6.96
CA PRO C 126 -0.80 -16.33 -8.34
C PRO C 126 0.62 -15.92 -8.77
N LYS C 127 1.30 -16.82 -9.47
CA LYS C 127 2.71 -16.65 -9.82
C LYS C 127 2.95 -15.61 -10.92
N PHE C 128 1.93 -15.32 -11.72
CA PHE C 128 1.95 -14.25 -12.72
C PHE C 128 0.67 -13.43 -12.56
N GLY C 129 0.78 -12.12 -12.74
CA GLY C 129 -0.38 -11.26 -12.65
C GLY C 129 -0.04 -9.78 -12.60
N ASN C 130 -0.99 -9.01 -12.08
CA ASN C 130 -0.79 -7.57 -11.94
C ASN C 130 -0.93 -7.12 -10.48
N PHE C 131 -0.47 -5.91 -10.20
CA PHE C 131 -0.28 -5.47 -8.82
C PHE C 131 -0.23 -3.96 -8.72
N THR C 132 -0.92 -3.43 -7.71
CA THR C 132 -0.86 -2.03 -7.36
C THR C 132 -0.22 -1.90 -5.98
N GLY C 133 0.97 -1.33 -5.93
CA GLY C 133 1.64 -1.12 -4.66
C GLY C 133 3.12 -0.89 -4.83
N ALA C 134 3.87 -1.23 -3.78
CA ALA C 134 5.30 -0.94 -3.70
C ALA C 134 6.09 -1.57 -4.85
N LYS C 135 7.28 -1.02 -5.08
CA LYS C 135 8.17 -1.53 -6.10
C LYS C 135 8.92 -2.77 -5.59
N TYR C 136 8.76 -3.87 -6.30
CA TYR C 136 9.48 -5.11 -6.02
C TYR C 136 10.23 -5.58 -7.27
N ASP C 137 11.31 -6.32 -7.05
CA ASP C 137 12.15 -6.84 -8.12
C ASP C 137 11.42 -7.75 -9.11
N ASP C 138 10.36 -8.43 -8.64
CA ASP C 138 9.62 -9.35 -9.49
C ASP C 138 8.74 -8.64 -10.52
N GLN C 139 8.79 -7.30 -10.53
CA GLN C 139 8.04 -6.50 -11.49
C GLN C 139 8.92 -6.01 -12.63
N LEU C 140 10.16 -6.50 -12.66
CA LEU C 140 11.14 -6.02 -13.64
C LEU C 140 11.29 -6.92 -14.86
N TRP C 141 11.27 -6.29 -16.04
CA TRP C 141 11.25 -7.01 -17.32
C TRP C 141 12.29 -6.55 -18.27
N HIS C 142 12.52 -7.37 -19.30
CA HIS C 142 13.41 -7.07 -20.41
C HIS C 142 12.68 -7.20 -21.72
N PHE C 143 13.04 -6.37 -22.69
CA PHE C 143 12.71 -6.63 -24.09
C PHE C 143 13.79 -7.55 -24.65
N GLU C 144 13.40 -8.74 -25.08
CA GLU C 144 14.34 -9.69 -25.67
C GLU C 144 14.14 -9.69 -27.17
N LEU C 145 15.09 -9.09 -27.89
CA LEU C 145 14.99 -8.97 -29.34
C LEU C 145 15.26 -10.31 -30.00
N VAL C 146 14.51 -10.63 -31.05
CA VAL C 146 14.64 -11.90 -31.76
C VAL C 146 15.31 -11.72 -33.11
N VAL D 1 1.91 4.06 -7.73
CA VAL D 1 0.54 4.15 -7.17
C VAL D 1 0.06 5.59 -7.25
N ASN D 2 -1.16 5.78 -7.75
CA ASN D 2 -1.79 7.10 -7.76
C ASN D 2 -2.08 7.57 -6.36
N PHE D 3 -1.87 8.86 -6.13
CA PHE D 3 -2.13 9.46 -4.83
C PHE D 3 -3.59 9.19 -4.46
N PRO D 4 -3.83 8.66 -3.23
CA PRO D 4 -5.18 8.21 -2.87
C PRO D 4 -6.16 9.30 -2.43
N ASN D 5 -5.67 10.52 -2.25
CA ASN D 5 -6.53 11.64 -1.85
C ASN D 5 -6.40 12.83 -2.79
N ILE D 6 -6.85 12.63 -4.03
CA ILE D 6 -6.85 13.67 -5.03
C ILE D 6 -8.16 14.44 -4.88
N PRO D 7 -8.08 15.79 -4.78
CA PRO D 7 -9.29 16.57 -4.62
C PRO D 7 -10.31 16.28 -5.71
N ALA D 8 -11.59 16.30 -5.34
CA ALA D 8 -12.68 16.15 -6.29
C ALA D 8 -12.70 17.33 -7.28
N GLU D 9 -13.22 17.07 -8.48
CA GLU D 9 -13.34 18.12 -9.49
C GLU D 9 -14.05 19.33 -8.89
N GLY D 10 -13.48 20.52 -9.10
CA GLY D 10 -14.10 21.76 -8.63
C GLY D 10 -13.66 22.23 -7.25
N VAL D 11 -13.02 21.33 -6.49
CA VAL D 11 -12.50 21.65 -5.16
C VAL D 11 -11.20 22.44 -5.30
N GLN D 12 -11.09 23.53 -4.53
CA GLN D 12 -9.95 24.43 -4.65
C GLN D 12 -8.84 24.11 -3.66
N PHE D 13 -7.60 24.31 -4.10
CA PHE D 13 -6.43 23.99 -3.30
C PHE D 13 -5.20 24.77 -3.75
N ARG D 14 -4.23 24.88 -2.84
CA ARG D 14 -2.87 25.28 -3.21
C ARG D 14 -2.04 24.02 -3.39
N LEU D 15 -0.96 24.15 -4.15
CA LEU D 15 0.02 23.09 -4.30
C LEU D 15 1.28 23.52 -3.56
N ARG D 16 1.56 22.86 -2.44
CA ARG D 16 2.68 23.25 -1.61
C ARG D 16 3.73 22.16 -1.59
N ALA D 17 4.99 22.54 -1.80
CA ALA D 17 6.08 21.57 -1.79
C ALA D 17 6.34 21.10 -0.37
N ARG D 18 6.59 19.81 -0.20
CA ARG D 18 6.75 19.25 1.13
C ARG D 18 7.93 19.85 1.88
N ASP D 19 9.07 19.98 1.21
CA ASP D 19 10.31 20.35 1.89
C ASP D 19 10.52 21.86 2.00
N THR D 20 10.42 22.59 0.87
CA THR D 20 10.58 24.04 0.91
C THR D 20 9.42 24.74 1.59
N GLY D 21 8.22 24.19 1.46
CA GLY D 21 7.00 24.83 1.93
C GLY D 21 6.51 25.92 0.99
N TYR D 22 7.11 26.01 -0.19
CA TYR D 22 6.72 27.02 -1.19
C TYR D 22 5.47 26.58 -1.94
N VAL D 23 4.70 27.54 -2.45
CA VAL D 23 3.50 27.20 -3.23
C VAL D 23 3.71 27.53 -4.70
N ILE D 24 3.00 26.84 -5.58
CA ILE D 24 3.02 27.15 -7.00
C ILE D 24 2.04 28.30 -7.25
N TYR D 25 2.39 29.22 -8.13
CA TYR D 25 1.43 30.20 -8.62
C TYR D 25 1.34 30.10 -10.13
N SER D 26 0.21 30.54 -10.68
CA SER D 26 -0.04 30.51 -12.11
C SER D 26 -0.77 31.80 -12.48
N ARG D 27 -0.05 32.70 -13.14
CA ARG D 27 -0.58 34.04 -13.43
C ARG D 27 -0.41 34.38 -14.91
N THR D 28 -0.89 35.54 -15.33
CA THR D 28 -0.89 35.89 -16.76
C THR D 28 0.12 36.99 -17.14
N GLU D 29 0.67 37.68 -16.15
CA GLU D 29 1.67 38.72 -16.38
C GLU D 29 2.89 38.53 -15.48
N ASN D 30 4.00 39.12 -15.90
CA ASN D 30 5.24 39.18 -15.11
C ASN D 30 5.96 37.83 -14.99
N PRO D 31 6.70 37.45 -16.04
CA PRO D 31 7.38 36.14 -16.08
C PRO D 31 8.41 35.98 -14.96
N PRO D 32 8.56 34.76 -14.41
CA PRO D 32 7.87 33.52 -14.81
C PRO D 32 6.38 33.51 -14.43
N LEU D 33 5.54 33.14 -15.39
CA LEU D 33 4.09 33.09 -15.18
C LEU D 33 3.68 31.95 -14.25
N VAL D 34 4.50 30.89 -14.23
CA VAL D 34 4.34 29.80 -13.27
C VAL D 34 5.68 29.63 -12.54
N TRP D 35 5.64 29.75 -11.22
CA TRP D 35 6.85 29.63 -10.41
C TRP D 35 6.46 29.26 -9.01
N GLN D 36 7.46 29.08 -8.15
CA GLN D 36 7.25 28.83 -6.73
C GLN D 36 7.30 30.13 -5.96
N TYR D 37 6.69 30.14 -4.78
CA TYR D 37 6.52 31.37 -4.02
C TYR D 37 6.53 31.14 -2.52
N ASN D 38 7.27 31.99 -1.82
CA ASN D 38 7.29 32.05 -0.37
C ASN D 38 6.74 33.41 0.06
N GLY D 39 5.46 33.44 0.40
CA GLY D 39 4.83 34.69 0.84
C GLY D 39 3.36 34.53 1.17
N PRO D 40 2.63 35.66 1.26
CA PRO D 40 1.21 35.66 1.62
C PRO D 40 0.33 34.91 0.61
N PRO D 41 -0.87 34.49 1.03
CA PRO D 41 -1.84 33.90 0.11
C PRO D 41 -2.37 34.89 -0.92
N TYR D 42 -2.28 34.52 -2.20
CA TYR D 42 -2.88 35.26 -3.32
C TYR D 42 -3.72 34.28 -4.11
N ASP D 43 -4.74 34.78 -4.80
CA ASP D 43 -5.65 33.96 -5.59
C ASP D 43 -4.98 33.13 -6.69
N ASP D 44 -3.86 33.62 -7.24
CA ASP D 44 -3.20 32.93 -8.35
C ASP D 44 -2.42 31.68 -7.90
N GLN D 45 -2.52 31.39 -6.60
CA GLN D 45 -1.97 30.15 -6.03
C GLN D 45 -3.07 29.10 -5.90
N LEU D 46 -4.28 29.46 -6.30
CA LEU D 46 -5.44 28.57 -6.18
C LEU D 46 -5.72 27.83 -7.47
N PHE D 47 -5.92 26.52 -7.33
CA PHE D 47 -6.15 25.64 -8.46
C PHE D 47 -7.35 24.76 -8.23
N THR D 48 -7.89 24.27 -9.34
CA THR D 48 -8.85 23.16 -9.32
C THR D 48 -8.38 22.14 -10.37
N LEU D 49 -8.91 20.92 -10.30
CA LEU D 49 -8.54 19.88 -11.25
C LEU D 49 -9.65 19.62 -12.24
N ILE D 50 -9.27 19.49 -13.52
CA ILE D 50 -10.14 18.89 -14.52
C ILE D 50 -9.78 17.41 -14.60
N TYR D 51 -10.76 16.55 -14.32
CA TYR D 51 -10.53 15.10 -14.33
C TYR D 51 -10.48 14.55 -15.74
N GLY D 52 -9.40 13.85 -16.06
CA GLY D 52 -9.28 13.16 -17.34
C GLY D 52 -10.18 11.95 -17.41
N THR D 53 -10.75 11.70 -18.58
CA THR D 53 -11.61 10.55 -18.81
C THR D 53 -11.16 9.81 -20.07
N GLY D 54 -11.64 8.58 -20.25
CA GLY D 54 -11.24 7.73 -21.37
C GLY D 54 -9.73 7.51 -21.36
N PRO D 55 -9.05 7.87 -22.47
CA PRO D 55 -7.60 7.76 -22.58
C PRO D 55 -6.82 8.54 -21.51
N ARG D 56 -7.46 9.55 -20.92
CA ARG D 56 -6.82 10.39 -19.92
CA ARG D 56 -6.84 10.42 -19.93
C ARG D 56 -7.25 10.07 -18.50
N LYS D 57 -7.93 8.94 -18.32
CA LYS D 57 -8.27 8.50 -16.97
C LYS D 57 -6.98 8.35 -16.13
N ASN D 58 -7.04 8.86 -14.90
CA ASN D 58 -5.90 8.95 -13.98
C ASN D 58 -4.92 10.09 -14.29
N LEU D 59 -5.30 10.93 -15.26
CA LEU D 59 -4.61 12.18 -15.52
C LEU D 59 -5.55 13.35 -15.22
N TYR D 60 -4.96 14.52 -15.00
CA TYR D 60 -5.68 15.71 -14.57
C TYR D 60 -5.04 16.95 -15.16
N ALA D 61 -5.88 17.92 -15.53
CA ALA D 61 -5.40 19.26 -15.87
C ALA D 61 -5.50 20.12 -14.61
N ILE D 62 -4.49 20.96 -14.40
CA ILE D 62 -4.38 21.75 -13.19
C ILE D 62 -4.74 23.20 -13.55
N LYS D 63 -5.93 23.60 -13.15
CA LYS D 63 -6.57 24.80 -13.67
C LYS D 63 -6.60 25.96 -12.67
N SER D 64 -6.20 27.15 -13.12
CA SER D 64 -6.16 28.32 -12.28
C SER D 64 -7.55 28.82 -11.92
N VAL D 65 -7.78 29.03 -10.63
CA VAL D 65 -9.03 29.65 -10.16
C VAL D 65 -9.28 31.07 -10.72
N PRO D 66 -8.32 32.01 -10.56
CA PRO D 66 -8.59 33.37 -11.05
C PRO D 66 -8.62 33.51 -12.57
N ASN D 67 -7.69 32.86 -13.27
CA ASN D 67 -7.53 33.11 -14.70
C ASN D 67 -7.91 31.98 -15.66
N GLY D 68 -8.16 30.79 -15.13
CA GLY D 68 -8.65 29.67 -15.94
C GLY D 68 -7.63 28.94 -16.79
N ARG D 69 -6.40 29.43 -16.84
CA ARG D 69 -5.33 28.75 -17.58
C ARG D 69 -4.98 27.43 -16.92
N VAL D 70 -4.55 26.47 -17.73
CA VAL D 70 -4.07 25.20 -17.19
C VAL D 70 -2.56 25.13 -17.28
N LEU D 71 -1.94 24.37 -16.36
CA LEU D 71 -0.49 24.18 -16.38
C LEU D 71 -0.02 23.31 -17.55
N PHE D 72 1.20 23.56 -18.01
CA PHE D 72 1.91 22.60 -18.84
C PHE D 72 3.33 22.37 -18.31
N SER D 73 3.90 21.23 -18.68
CA SER D 73 5.27 20.87 -18.34
C SER D 73 5.86 20.14 -19.53
N ARG D 74 6.87 20.76 -20.14
CA ARG D 74 7.46 20.29 -21.38
C ARG D 74 8.97 20.45 -21.34
N THR D 75 9.66 19.82 -22.29
CA THR D 75 11.12 19.96 -22.37
C THR D 75 11.55 20.53 -23.72
N SER D 76 10.56 20.84 -24.55
CA SER D 76 10.79 21.27 -25.94
CA SER D 76 10.79 21.27 -25.94
C SER D 76 11.21 22.74 -26.09
N ALA D 77 10.72 23.61 -25.22
CA ALA D 77 11.03 25.04 -25.30
C ALA D 77 10.68 25.78 -24.02
N SER D 78 11.31 26.94 -23.81
CA SER D 78 11.03 27.80 -22.67
C SER D 78 9.79 28.69 -22.88
N PRO D 79 8.99 28.90 -21.81
CA PRO D 79 9.20 28.32 -20.48
C PRO D 79 8.87 26.83 -20.48
N TYR D 80 9.62 26.06 -19.68
CA TYR D 80 9.43 24.61 -19.59
C TYR D 80 8.17 24.26 -18.80
N VAL D 81 7.97 24.98 -17.70
CA VAL D 81 6.73 24.88 -16.94
C VAL D 81 5.98 26.20 -17.16
N GLY D 82 4.71 26.13 -17.53
CA GLY D 82 3.95 27.34 -17.81
C GLY D 82 2.45 27.11 -17.80
N ASN D 83 1.72 28.05 -18.37
CA ASN D 83 0.27 27.93 -18.45
C ASN D 83 -0.28 28.34 -19.81
N ILE D 84 -1.50 27.90 -20.09
CA ILE D 84 -2.12 28.12 -21.39
C ILE D 84 -3.64 28.07 -21.24
N ALA D 85 -4.34 28.91 -22.00
CA ALA D 85 -5.80 28.93 -22.00
C ALA D 85 -6.39 27.57 -22.37
N GLY D 86 -7.61 27.33 -21.89
CA GLY D 86 -8.38 26.16 -22.26
C GLY D 86 -8.59 25.19 -21.11
N ASP D 87 -8.99 23.98 -21.47
CA ASP D 87 -9.31 22.95 -20.50
C ASP D 87 -8.48 21.70 -20.71
N GLY D 88 -7.26 21.89 -21.22
CA GLY D 88 -6.36 20.76 -21.48
C GLY D 88 -6.32 20.37 -22.94
N THR D 89 -6.26 21.37 -23.82
CA THR D 89 -6.21 21.15 -25.28
C THR D 89 -5.01 20.31 -25.72
N TYR D 90 -3.87 20.53 -25.06
CA TYR D 90 -2.60 19.95 -25.47
C TYR D 90 -2.21 18.81 -24.55
N ASN D 91 -1.51 17.80 -25.08
CA ASN D 91 -1.21 16.61 -24.27
C ASN D 91 -0.33 16.88 -23.05
N ASP D 92 0.57 17.86 -23.16
CA ASP D 92 1.44 18.22 -22.03
C ASP D 92 0.71 19.05 -20.95
N ASN D 93 -0.60 19.16 -21.09
CA ASN D 93 -1.46 19.77 -20.07
C ASN D 93 -1.96 18.75 -19.05
N TRP D 94 -1.54 17.49 -19.18
CA TRP D 94 -2.13 16.41 -18.37
C TRP D 94 -1.17 15.76 -17.43
N PHE D 95 -1.54 15.75 -16.15
CA PHE D 95 -0.63 15.33 -15.09
C PHE D 95 -1.17 14.15 -14.32
N GLN D 96 -0.25 13.30 -13.89
CA GLN D 96 -0.52 12.18 -12.98
C GLN D 96 0.00 12.55 -11.59
N PHE D 97 -0.77 12.24 -10.56
CA PHE D 97 -0.29 12.44 -9.20
C PHE D 97 0.14 11.08 -8.64
N ILE D 98 1.46 10.91 -8.52
CA ILE D 98 2.06 9.63 -8.20
C ILE D 98 2.56 9.67 -6.76
N GLN D 99 1.93 8.88 -5.90
CA GLN D 99 2.31 8.82 -4.48
C GLN D 99 3.77 8.40 -4.33
N ASP D 100 4.47 9.03 -3.39
CA ASP D 100 5.84 8.63 -3.10
C ASP D 100 5.87 7.23 -2.50
N ASP D 101 6.95 6.50 -2.77
CA ASP D 101 7.10 5.13 -2.32
C ASP D 101 7.30 5.01 -0.81
N ASN D 102 7.90 6.03 -0.20
CA ASN D 102 8.22 5.99 1.22
C ASN D 102 7.30 6.86 2.07
N ASP D 103 6.93 8.00 1.50
CA ASP D 103 6.05 8.98 2.15
C ASP D 103 4.66 8.93 1.53
N PRO D 104 3.67 8.35 2.24
CA PRO D 104 2.34 8.20 1.66
C PRO D 104 1.57 9.52 1.59
N ASN D 105 2.05 10.51 2.32
CA ASN D 105 1.37 11.80 2.38
C ASN D 105 1.76 12.77 1.28
N SER D 106 2.72 12.40 0.45
CA SER D 106 3.10 13.29 -0.66
C SER D 106 3.17 12.59 -2.01
N PHE D 107 3.23 13.38 -3.06
CA PHE D 107 3.17 12.87 -4.42
C PHE D 107 4.07 13.68 -5.34
N ARG D 108 4.34 13.10 -6.51
CA ARG D 108 4.99 13.81 -7.59
C ARG D 108 3.94 14.25 -8.59
N ILE D 109 4.20 15.40 -9.20
CA ILE D 109 3.33 15.96 -10.23
C ILE D 109 4.00 15.62 -11.55
N TYR D 110 3.51 14.53 -12.15
CA TYR D 110 4.14 13.90 -13.28
C TYR D 110 3.41 14.18 -14.59
N ASN D 111 4.18 14.51 -15.61
CA ASN D 111 3.64 14.79 -16.92
C ASN D 111 3.94 13.62 -17.86
N LEU D 112 2.88 12.96 -18.35
CA LEU D 112 3.08 11.80 -19.24
C LEU D 112 3.68 12.21 -20.58
N ALA D 113 3.26 13.35 -21.10
CA ALA D 113 3.76 13.78 -22.41
C ALA D 113 5.27 14.03 -22.42
N SER D 114 5.78 14.62 -21.34
CA SER D 114 7.19 15.02 -21.31
C SER D 114 8.07 14.14 -20.41
N ASP D 115 7.47 13.19 -19.72
CA ASP D 115 8.20 12.31 -18.78
C ASP D 115 8.99 13.10 -17.73
N THR D 116 8.34 14.11 -17.15
CA THR D 116 8.97 14.97 -16.14
C THR D 116 8.13 15.08 -14.89
N VAL D 117 8.78 15.49 -13.81
CA VAL D 117 8.11 15.84 -12.55
C VAL D 117 8.51 17.26 -12.18
N LEU D 118 7.62 17.96 -11.46
CA LEU D 118 7.93 19.30 -10.97
C LEU D 118 8.73 19.23 -9.69
N TYR D 119 9.63 20.19 -9.51
CA TYR D 119 10.43 20.26 -8.29
C TYR D 119 10.45 21.66 -7.71
N SER D 120 10.73 21.73 -6.41
CA SER D 120 10.87 22.99 -5.70
C SER D 120 12.07 22.89 -4.77
N ARG D 121 13.04 23.78 -4.95
CA ARG D 121 14.25 23.78 -4.12
C ARG D 121 14.71 25.21 -3.78
N THR D 122 15.64 25.30 -2.83
CA THR D 122 16.20 26.57 -2.39
C THR D 122 17.58 26.80 -2.98
N THR D 123 18.09 25.81 -3.70
CA THR D 123 19.51 25.75 -4.04
C THR D 123 19.87 26.32 -5.41
N ALA D 124 20.13 25.44 -6.36
CA ALA D 124 20.62 25.84 -7.68
C ALA D 124 19.51 26.38 -8.58
N ASP D 125 19.88 27.28 -9.48
CA ASP D 125 18.96 27.79 -10.49
C ASP D 125 18.85 26.81 -11.65
N PRO D 126 17.63 26.61 -12.20
CA PRO D 126 16.38 27.22 -11.72
C PRO D 126 15.84 26.51 -10.46
N LYS D 127 15.37 27.28 -9.50
CA LYS D 127 14.93 26.76 -8.20
C LYS D 127 13.57 26.06 -8.25
N PHE D 128 12.80 26.37 -9.30
CA PHE D 128 11.56 25.66 -9.60
C PHE D 128 11.65 25.23 -11.07
N GLY D 129 11.02 24.11 -11.40
CA GLY D 129 11.03 23.63 -12.78
C GLY D 129 10.64 22.18 -12.92
N ASN D 130 10.98 21.59 -14.05
CA ASN D 130 10.71 20.18 -14.26
C ASN D 130 11.99 19.37 -14.45
N PHE D 131 11.87 18.05 -14.35
CA PHE D 131 13.04 17.18 -14.25
C PHE D 131 12.70 15.75 -14.67
N THR D 132 13.55 15.19 -15.52
CA THR D 132 13.49 13.77 -15.87
C THR D 132 14.71 13.10 -15.24
N GLY D 133 14.46 12.24 -14.26
CA GLY D 133 15.52 11.48 -13.63
C GLY D 133 15.09 10.87 -12.31
N ALA D 134 16.05 10.68 -11.42
CA ALA D 134 15.85 9.97 -10.17
C ALA D 134 14.88 10.68 -9.23
N LYS D 135 14.36 9.91 -8.28
CA LYS D 135 13.40 10.40 -7.31
C LYS D 135 14.11 11.08 -6.15
N TYR D 136 13.84 12.37 -5.98
CA TYR D 136 14.40 13.14 -4.88
C TYR D 136 13.29 13.84 -4.13
N ASP D 137 13.57 14.20 -2.89
CA ASP D 137 12.57 14.75 -1.97
C ASP D 137 12.02 16.10 -2.40
N ASP D 138 12.82 16.87 -3.15
CA ASP D 138 12.37 18.20 -3.61
C ASP D 138 11.30 18.13 -4.72
N GLN D 139 10.93 16.91 -5.09
CA GLN D 139 9.88 16.64 -6.08
C GLN D 139 8.56 16.29 -5.43
N LEU D 140 8.49 16.39 -4.11
CA LEU D 140 7.30 15.95 -3.36
C LEU D 140 6.37 17.12 -3.01
N TRP D 141 5.08 16.93 -3.28
CA TRP D 141 4.05 17.98 -3.11
C TRP D 141 2.90 17.54 -2.25
N HIS D 142 2.13 18.53 -1.77
CA HIS D 142 0.87 18.33 -1.03
C HIS D 142 -0.23 19.09 -1.71
N PHE D 143 -1.45 18.54 -1.66
CA PHE D 143 -2.63 19.34 -1.93
C PHE D 143 -3.01 20.02 -0.63
N GLU D 144 -3.19 21.34 -0.68
CA GLU D 144 -3.58 22.10 0.49
C GLU D 144 -4.97 22.69 0.23
N LEU D 145 -5.99 22.03 0.77
CA LEU D 145 -7.37 22.44 0.56
C LEU D 145 -7.64 23.78 1.24
N VAL D 146 -8.43 24.62 0.58
CA VAL D 146 -8.75 25.95 1.09
C VAL D 146 -10.24 26.05 1.45
#